data_5C7Z
#
_entry.id   5C7Z
#
_cell.length_a   125.650
_cell.length_b   125.650
_cell.length_c   74.410
_cell.angle_alpha   90.000
_cell.angle_beta   90.000
_cell.angle_gamma   120.000
#
_symmetry.space_group_name_H-M   'P 64'
#
loop_
_entity.id
_entity.type
_entity.pdbx_description
1 polymer 'AP-2 complex subunit mu'
2 polymer 'Integrin alpha-4'
3 water water
#
loop_
_entity_poly.entity_id
_entity_poly.type
_entity_poly.pdbx_seq_one_letter_code
_entity_poly.pdbx_strand_id
1 'polypeptide(L)'
;IGWRREGIKYRRNELFLDVLESVNLLMSPQGQVLSAHVSGRVVMKSYLSGMPECKFGMNDKIVIEKQGKGTADETSKSME
QKLISEEDLGKQSIAIDDCTFHQCVRLSKFDSERSISFIPPDGEFELMRYRTTKDIILPFRVIPLVREVGRTKLEVKVVI
KSNFKPSLLAQKIEVRIPTPLNTSGVQVICMKGKAKYKASENAIVWKIKRMAGMKESQISAEIELLPTNDKKKWARPPIS
MNFEVPFAPSGLKVRYLKVFEPKLNYSDHDVIKWVRYIGRSGIYETRC
;
A
2 'polypeptide(L)' QYKSILQE B
#
# COMPACT_ATOMS: atom_id res chain seq x y z
N ILE A 1 18.21 19.73 23.01
CA ILE A 1 17.62 18.56 22.27
C ILE A 1 16.86 17.72 23.27
N GLY A 2 15.55 17.92 23.32
CA GLY A 2 14.74 17.42 24.41
C GLY A 2 14.03 16.14 24.10
N TRP A 3 14.26 15.64 22.86
CA TRP A 3 13.75 14.36 22.34
C TRP A 3 14.79 13.19 22.41
N ARG A 4 16.05 13.49 22.75
CA ARG A 4 17.07 12.48 22.98
C ARG A 4 18.08 12.82 24.11
N ARG A 5 18.07 11.98 25.16
CA ARG A 5 19.11 12.03 26.24
C ARG A 5 20.51 11.79 25.73
N GLU A 6 21.50 12.05 26.58
CA GLU A 6 22.89 12.14 26.12
C GLU A 6 23.79 10.88 26.39
N GLY A 7 23.33 9.99 27.28
CA GLY A 7 24.13 8.80 27.65
C GLY A 7 24.30 7.56 26.74
N ILE A 8 23.77 7.58 25.54
CA ILE A 8 23.34 6.34 24.89
C ILE A 8 24.45 5.53 24.18
N LYS A 9 24.48 4.23 24.51
CA LYS A 9 25.50 3.32 23.99
C LYS A 9 24.87 1.99 23.61
N TYR A 10 25.30 1.44 22.46
CA TYR A 10 24.95 0.10 21.99
C TYR A 10 26.21 -0.46 21.29
N ARG A 11 26.53 -1.74 21.53
CA ARG A 11 27.58 -2.40 20.72
C ARG A 11 27.06 -2.63 19.34
N ARG A 12 25.81 -3.04 19.26
CA ARG A 12 25.18 -3.31 17.99
C ARG A 12 24.35 -2.07 17.56
N ASN A 13 24.96 -1.22 16.73
CA ASN A 13 24.33 0.02 16.28
C ASN A 13 23.57 -0.26 15.05
N GLU A 14 22.27 -0.14 15.15
CA GLU A 14 21.39 -0.70 14.13
C GLU A 14 20.18 0.18 13.98
N LEU A 15 19.71 0.32 12.75
CA LEU A 15 18.44 0.96 12.52
C LEU A 15 17.61 0.24 11.50
N PHE A 16 16.31 0.51 11.61
CA PHE A 16 15.30 -0.03 10.76
C PHE A 16 14.40 1.08 10.25
N LEU A 17 14.16 1.08 8.94
CA LEU A 17 13.15 1.97 8.34
C LEU A 17 11.99 1.20 7.82
N ASP A 18 10.79 1.68 8.16
CA ASP A 18 9.52 1.17 7.63
C ASP A 18 8.88 2.27 6.78
N VAL A 19 8.69 2.00 5.49
CA VAL A 19 7.99 2.92 4.62
C VAL A 19 6.62 2.34 4.52
N LEU A 20 5.61 3.08 4.99
CA LEU A 20 4.29 2.53 5.11
C LEU A 20 3.39 3.44 4.33
N GLU A 21 2.72 2.88 3.33
CA GLU A 21 1.90 3.63 2.44
C GLU A 21 0.58 2.99 2.25
N SER A 22 -0.43 3.84 2.15
CA SER A 22 -1.74 3.38 1.85
C SER A 22 -2.05 3.96 0.50
N VAL A 23 -2.44 3.09 -0.45
CA VAL A 23 -2.73 3.54 -1.83
C VAL A 23 -4.23 3.55 -2.18
N ASN A 24 -4.70 4.65 -2.71
CA ASN A 24 -6.14 4.89 -2.90
C ASN A 24 -6.48 5.14 -4.34
N LEU A 25 -7.56 4.54 -4.80
CA LEU A 25 -7.92 4.51 -6.20
C LEU A 25 -9.42 4.51 -6.41
N LEU A 26 -9.87 5.32 -7.37
CA LEU A 26 -11.23 5.19 -7.87
C LEU A 26 -11.13 5.06 -9.39
N MET A 27 -11.60 3.94 -9.91
CA MET A 27 -11.48 3.60 -11.31
C MET A 27 -12.85 3.52 -11.96
N SER A 28 -12.98 4.12 -13.14
CA SER A 28 -14.18 4.03 -14.00
C SER A 28 -14.41 2.61 -14.55
N PRO A 29 -15.64 2.37 -15.05
CA PRO A 29 -15.97 1.05 -15.60
C PRO A 29 -15.16 0.67 -16.82
N GLN A 30 -14.76 1.70 -17.58
CA GLN A 30 -13.96 1.56 -18.79
C GLN A 30 -12.51 1.91 -18.49
N GLY A 31 -11.92 1.25 -17.49
CA GLY A 31 -10.53 1.55 -17.00
C GLY A 31 -9.87 2.95 -16.81
N GLN A 32 -10.62 4.07 -16.78
CA GLN A 32 -9.98 5.40 -16.54
C GLN A 32 -9.70 5.55 -15.06
N VAL A 33 -8.63 6.24 -14.74
CA VAL A 33 -8.30 6.52 -13.36
C VAL A 33 -8.99 7.80 -13.01
N LEU A 34 -10.13 7.73 -12.35
CA LEU A 34 -10.83 8.92 -11.83
C LEU A 34 -10.15 9.69 -10.71
N SER A 35 -9.53 8.97 -9.77
CA SER A 35 -8.85 9.58 -8.61
C SER A 35 -7.87 8.62 -8.03
N ALA A 36 -6.71 9.10 -7.66
CA ALA A 36 -5.76 8.26 -6.97
C ALA A 36 -4.71 9.03 -6.20
N HIS A 37 -4.39 8.57 -5.02
CA HIS A 37 -3.33 9.21 -4.25
C HIS A 37 -2.71 8.15 -3.34
N VAL A 38 -1.53 8.44 -2.85
CA VAL A 38 -0.90 7.68 -1.77
C VAL A 38 -0.67 8.54 -0.53
N SER A 39 -0.98 8.03 0.66
CA SER A 39 -0.49 8.66 1.94
C SER A 39 0.58 7.74 2.48
N GLY A 40 1.69 8.30 2.90
CA GLY A 40 2.77 7.53 3.43
C GLY A 40 3.41 8.09 4.69
N ARG A 41 4.06 7.19 5.44
CA ARG A 41 4.88 7.55 6.58
C ARG A 41 6.13 6.75 6.45
N VAL A 42 7.21 7.36 6.90
CA VAL A 42 8.43 6.66 7.20
C VAL A 42 8.63 6.64 8.71
N VAL A 43 8.67 5.45 9.30
CA VAL A 43 8.98 5.27 10.72
C VAL A 43 10.40 4.79 10.87
N MET A 44 11.14 5.38 11.78
CA MET A 44 12.53 4.96 12.00
C MET A 44 12.63 4.29 13.35
N LYS A 45 13.39 3.20 13.42
CA LYS A 45 13.73 2.59 14.71
C LYS A 45 15.24 2.53 14.77
N SER A 46 15.81 3.35 15.64
CA SER A 46 17.25 3.66 15.67
C SER A 46 17.73 3.12 16.99
N TYR A 47 18.80 2.31 16.95
CA TYR A 47 19.51 1.91 18.14
C TYR A 47 20.96 2.29 17.89
N LEU A 48 21.22 3.59 18.05
CA LEU A 48 22.52 4.15 17.74
C LEU A 48 23.12 4.89 18.92
N SER A 49 24.44 4.99 18.89
CA SER A 49 25.23 5.40 20.03
C SER A 49 25.53 6.88 19.95
N GLY A 50 25.30 7.52 21.10
CA GLY A 50 25.59 8.94 21.29
C GLY A 50 24.52 9.84 20.69
N MET A 51 24.95 10.91 20.01
CA MET A 51 24.04 11.90 19.43
C MET A 51 24.43 12.04 17.95
N PRO A 52 23.83 11.23 17.08
CA PRO A 52 24.38 11.21 15.72
C PRO A 52 23.55 12.01 14.64
N GLU A 53 24.30 12.52 13.66
CA GLU A 53 23.79 13.30 12.57
C GLU A 53 23.37 12.34 11.49
N CYS A 54 22.06 12.09 11.44
CA CYS A 54 21.53 11.25 10.39
C CYS A 54 21.07 12.06 9.22
N LYS A 55 21.30 11.54 8.01
CA LYS A 55 20.87 12.15 6.75
C LYS A 55 20.11 11.11 5.91
N PHE A 56 18.79 11.34 5.72
CA PHE A 56 17.89 10.41 4.98
C PHE A 56 17.73 10.76 3.50
N GLY A 57 18.23 9.92 2.63
CA GLY A 57 18.11 10.11 1.21
C GLY A 57 17.15 9.14 0.53
N MET A 58 16.24 9.71 -0.27
CA MET A 58 15.30 8.93 -1.08
C MET A 58 15.34 9.37 -2.52
N ASN A 59 14.55 8.71 -3.35
CA ASN A 59 14.53 8.96 -4.78
C ASN A 59 13.54 10.06 -5.06
N ASP A 60 13.71 11.15 -4.35
CA ASP A 60 12.93 12.33 -4.57
C ASP A 60 13.44 12.87 -5.89
N LYS A 61 12.55 13.35 -6.74
CA LYS A 61 13.00 13.76 -8.07
C LYS A 61 13.67 15.17 -8.09
N ILE A 62 13.13 16.12 -7.33
CA ILE A 62 13.79 17.42 -7.13
C ILE A 62 15.24 17.20 -6.63
N VAL A 63 15.54 16.09 -5.91
CA VAL A 63 16.89 15.78 -5.34
C VAL A 63 17.91 16.93 -5.28
N LYS A 91 17.48 6.62 -13.59
CA LYS A 91 16.83 5.88 -12.50
C LYS A 91 15.32 6.31 -12.36
N GLN A 92 14.48 5.48 -11.70
CA GLN A 92 13.13 5.90 -11.18
C GLN A 92 13.23 6.92 -9.98
N SER A 93 12.50 8.04 -10.07
CA SER A 93 12.61 9.20 -9.14
C SER A 93 11.18 9.75 -9.01
N ILE A 94 10.78 10.18 -7.81
CA ILE A 94 9.34 10.41 -7.48
C ILE A 94 8.98 11.77 -6.85
N ALA A 95 7.67 11.99 -6.78
CA ALA A 95 7.11 13.32 -6.78
C ALA A 95 6.25 13.54 -5.57
N ILE A 96 6.81 14.16 -4.56
CA ILE A 96 6.04 14.48 -3.37
C ILE A 96 5.21 15.74 -3.51
N ASP A 97 3.89 15.65 -3.37
CA ASP A 97 3.05 16.82 -3.28
C ASP A 97 3.32 17.61 -2.02
N ASP A 98 3.41 16.95 -0.88
CA ASP A 98 3.80 17.64 0.37
C ASP A 98 4.00 16.66 1.48
N CYS A 99 4.63 17.17 2.54
CA CYS A 99 5.01 16.40 3.69
C CYS A 99 5.38 17.22 4.91
N THR A 100 4.91 16.79 6.07
CA THR A 100 5.36 17.30 7.32
C THR A 100 6.49 16.36 7.89
N PHE A 101 7.37 16.93 8.72
CA PHE A 101 8.42 16.21 9.39
C PHE A 101 8.31 16.26 10.92
N HIS A 102 9.17 15.47 11.54
CA HIS A 102 9.27 15.36 12.98
C HIS A 102 10.17 16.51 13.43
N GLN A 103 9.86 17.08 14.60
CA GLN A 103 10.62 18.27 15.01
C GLN A 103 12.13 18.19 14.81
N CYS A 104 12.70 17.03 15.06
CA CYS A 104 14.13 16.84 14.90
C CYS A 104 14.66 17.16 13.52
N VAL A 105 13.81 17.45 12.54
CA VAL A 105 14.31 17.64 11.17
C VAL A 105 14.66 19.11 10.87
N ARG A 106 15.90 19.24 10.37
CA ARG A 106 16.46 20.54 9.99
C ARG A 106 15.93 20.93 8.64
N LEU A 107 15.05 21.95 8.63
CA LEU A 107 14.37 22.47 7.41
C LEU A 107 15.33 23.32 6.54
N SER A 108 15.76 22.69 5.47
CA SER A 108 16.62 23.31 4.51
C SER A 108 15.91 23.12 3.10
N LYS A 109 15.98 24.19 2.29
CA LYS A 109 15.42 24.25 0.92
C LYS A 109 16.45 24.89 0.00
N GLU A 113 18.30 22.97 0.25
CA GLU A 113 18.85 21.90 -0.56
C GLU A 113 17.98 20.65 -0.60
N ARG A 114 16.89 20.62 0.21
CA ARG A 114 16.00 19.46 0.29
C ARG A 114 16.74 18.19 0.82
N SER A 115 17.56 18.40 1.84
CA SER A 115 18.28 17.33 2.51
C SER A 115 17.51 17.05 3.76
N ILE A 116 17.43 15.79 4.17
CA ILE A 116 16.71 15.53 5.42
C ILE A 116 17.73 15.24 6.54
N SER A 117 17.87 16.19 7.47
CA SER A 117 18.90 16.10 8.52
C SER A 117 18.27 16.19 9.87
N PHE A 118 18.80 15.35 10.76
CA PHE A 118 18.25 15.19 12.09
C PHE A 118 19.21 14.36 12.94
N ILE A 119 19.03 14.56 14.23
CA ILE A 119 19.52 13.72 15.27
C ILE A 119 18.27 13.06 15.78
N PRO A 120 18.18 11.75 15.56
CA PRO A 120 16.90 11.11 15.83
C PRO A 120 16.65 10.88 17.28
N PRO A 121 15.39 10.83 17.72
CA PRO A 121 15.11 10.20 19.01
C PRO A 121 15.56 8.75 19.05
N ASP A 122 15.68 8.19 20.24
CA ASP A 122 16.06 6.81 20.38
C ASP A 122 14.84 5.89 20.24
N GLY A 123 15.06 4.70 19.70
CA GLY A 123 13.97 3.83 19.43
C GLY A 123 13.19 4.36 18.25
N GLU A 124 11.89 4.20 18.41
CA GLU A 124 10.97 4.30 17.33
C GLU A 124 10.38 5.67 17.28
N PHE A 125 10.32 6.24 16.09
CA PHE A 125 9.54 7.46 15.87
C PHE A 125 9.15 7.65 14.39
N GLU A 126 8.12 8.46 14.17
CA GLU A 126 7.74 8.87 12.82
C GLU A 126 8.62 9.98 12.29
N LEU A 127 9.33 9.72 11.21
CA LEU A 127 10.29 10.67 10.70
C LEU A 127 9.55 11.61 9.76
N MET A 128 8.75 11.09 8.82
CA MET A 128 7.97 11.95 7.94
C MET A 128 6.70 11.33 7.55
N ARG A 129 5.83 12.18 7.09
CA ARG A 129 4.49 11.84 6.63
C ARG A 129 4.40 12.50 5.23
N TYR A 130 3.82 11.86 4.23
CA TYR A 130 3.79 12.45 2.88
C TYR A 130 2.61 12.08 2.00
N ARG A 131 2.38 12.89 0.98
CA ARG A 131 1.33 12.58 0.02
C ARG A 131 1.85 12.64 -1.42
N THR A 132 1.31 11.79 -2.25
CA THR A 132 1.67 11.63 -3.65
C THR A 132 0.42 11.43 -4.49
N THR A 133 0.40 12.05 -5.68
CA THR A 133 -0.74 11.88 -6.63
C THR A 133 -0.36 11.43 -8.02
N LYS A 134 0.93 11.49 -8.35
CA LYS A 134 1.49 11.32 -9.68
C LYS A 134 2.31 10.08 -9.81
N ASP A 135 2.22 9.39 -10.93
CA ASP A 135 3.08 8.23 -11.25
C ASP A 135 3.02 7.07 -10.24
N ILE A 136 1.80 6.83 -9.78
CA ILE A 136 1.53 5.88 -8.73
C ILE A 136 1.47 4.51 -9.35
N ILE A 137 2.10 3.52 -8.75
CA ILE A 137 1.91 2.19 -9.21
C ILE A 137 0.62 1.61 -8.64
N LEU A 138 -0.38 1.37 -9.47
CA LEU A 138 -1.58 0.67 -9.03
C LEU A 138 -1.33 -0.83 -9.08
N PRO A 139 -1.14 -1.45 -7.90
CA PRO A 139 -0.73 -2.83 -7.92
C PRO A 139 -1.72 -3.75 -8.46
N PHE A 140 -2.99 -3.38 -8.48
CA PHE A 140 -4.02 -4.31 -8.99
C PHE A 140 -4.95 -3.64 -9.95
N ARG A 141 -5.28 -4.39 -11.00
CA ARG A 141 -6.28 -3.97 -11.95
C ARG A 141 -7.44 -4.90 -11.76
N VAL A 142 -8.65 -4.35 -11.68
CA VAL A 142 -9.87 -5.16 -11.56
C VAL A 142 -10.72 -5.00 -12.82
N ILE A 143 -11.05 -6.11 -13.49
CA ILE A 143 -11.88 -6.07 -14.69
C ILE A 143 -13.16 -6.82 -14.44
N PRO A 144 -14.23 -6.09 -14.28
CA PRO A 144 -15.55 -6.67 -14.05
C PRO A 144 -16.34 -6.88 -15.34
N LEU A 145 -17.21 -7.88 -15.34
CA LEU A 145 -18.11 -8.17 -16.43
C LEU A 145 -19.43 -8.70 -15.86
N VAL A 146 -20.54 -8.10 -16.28
CA VAL A 146 -21.86 -8.38 -15.73
C VAL A 146 -22.87 -8.64 -16.87
N ARG A 147 -23.69 -9.65 -16.70
CA ARG A 147 -24.65 -10.06 -17.70
C ARG A 147 -25.96 -10.35 -16.98
N GLU A 148 -27.02 -9.70 -17.48
CA GLU A 148 -28.35 -9.94 -16.96
C GLU A 148 -28.97 -11.07 -17.73
N VAL A 149 -29.60 -11.98 -17.01
CA VAL A 149 -30.23 -13.16 -17.56
C VAL A 149 -31.73 -13.07 -17.23
N GLY A 150 -32.47 -12.54 -18.21
CA GLY A 150 -33.86 -12.22 -18.00
C GLY A 150 -33.92 -11.27 -16.82
N ARG A 151 -34.72 -11.66 -15.84
CA ARG A 151 -34.74 -10.92 -14.60
C ARG A 151 -34.71 -11.86 -13.41
N THR A 152 -34.14 -13.02 -13.65
CA THR A 152 -34.07 -14.09 -12.70
C THR A 152 -32.59 -14.28 -12.13
N LYS A 153 -31.56 -13.91 -12.90
CA LYS A 153 -30.18 -14.02 -12.42
C LYS A 153 -29.16 -13.05 -13.04
N LEU A 154 -28.01 -12.91 -12.36
CA LEU A 154 -26.86 -12.14 -12.90
C LEU A 154 -25.62 -12.97 -13.02
N GLU A 155 -24.97 -12.86 -14.16
CA GLU A 155 -23.75 -13.60 -14.45
C GLU A 155 -22.61 -12.60 -14.19
N VAL A 156 -21.66 -12.94 -13.32
CA VAL A 156 -20.61 -11.99 -13.00
C VAL A 156 -19.27 -12.65 -13.10
N LYS A 157 -18.37 -11.97 -13.78
CA LYS A 157 -17.00 -12.43 -13.88
C LYS A 157 -16.12 -11.31 -13.44
N VAL A 158 -15.14 -11.61 -12.61
CA VAL A 158 -14.21 -10.60 -12.22
C VAL A 158 -12.83 -11.15 -12.34
N VAL A 159 -11.94 -10.34 -12.91
CA VAL A 159 -10.54 -10.71 -13.15
C VAL A 159 -9.69 -9.70 -12.45
N ILE A 160 -8.69 -10.17 -11.73
CA ILE A 160 -7.72 -9.29 -11.13
C ILE A 160 -6.37 -9.52 -11.75
N LYS A 161 -5.60 -8.46 -11.96
CA LYS A 161 -4.27 -8.56 -12.54
C LYS A 161 -3.24 -7.94 -11.61
N SER A 162 -2.23 -8.70 -11.20
CA SER A 162 -1.16 -8.10 -10.43
C SER A 162 -0.21 -7.40 -11.32
N ASN A 163 0.04 -6.15 -11.01
CA ASN A 163 0.95 -5.35 -11.76
C ASN A 163 2.27 -4.91 -11.03
N PHE A 164 3.22 -5.83 -10.99
CA PHE A 164 4.45 -5.55 -10.26
C PHE A 164 5.45 -6.70 -10.41
N LYS A 165 6.70 -6.50 -10.01
CA LYS A 165 7.74 -7.47 -10.26
C LYS A 165 7.23 -8.86 -9.92
N PRO A 166 7.49 -9.87 -10.77
CA PRO A 166 7.07 -11.26 -10.46
C PRO A 166 7.71 -11.92 -9.28
N SER A 167 8.85 -11.40 -8.84
CA SER A 167 9.61 -11.94 -7.68
C SER A 167 8.96 -11.54 -6.35
N LEU A 168 8.05 -10.56 -6.41
CA LEU A 168 7.27 -10.04 -5.29
C LEU A 168 5.89 -10.65 -5.22
N LEU A 169 5.51 -11.00 -4.00
CA LEU A 169 4.19 -11.48 -3.64
C LEU A 169 3.36 -10.44 -2.88
N ALA A 170 2.13 -10.27 -3.32
CA ALA A 170 1.11 -9.64 -2.50
C ALA A 170 0.51 -10.65 -1.56
N GLN A 171 0.07 -10.15 -0.43
CA GLN A 171 -0.47 -10.92 0.67
C GLN A 171 -1.84 -10.34 0.96
N LYS A 172 -2.76 -11.15 1.47
CA LYS A 172 -3.97 -10.65 2.17
C LYS A 172 -4.91 -9.93 1.24
N ILE A 173 -5.24 -10.61 0.14
CA ILE A 173 -5.97 -10.03 -0.95
C ILE A 173 -7.41 -10.41 -0.75
N GLU A 174 -8.26 -9.41 -0.74
CA GLU A 174 -9.68 -9.61 -0.63
C GLU A 174 -10.32 -8.82 -1.73
N VAL A 175 -11.29 -9.40 -2.41
CA VAL A 175 -12.05 -8.70 -3.43
C VAL A 175 -13.47 -8.83 -3.01
N ARG A 176 -14.15 -7.72 -2.96
CA ARG A 176 -15.46 -7.69 -2.39
C ARG A 176 -16.41 -7.27 -3.53
N ILE A 177 -17.33 -8.17 -3.88
CA ILE A 177 -18.25 -7.92 -5.01
C ILE A 177 -19.66 -7.75 -4.48
N PRO A 178 -20.22 -6.58 -4.65
CA PRO A 178 -21.50 -6.33 -4.00
C PRO A 178 -22.62 -6.99 -4.77
N THR A 179 -23.61 -7.46 -4.04
CA THR A 179 -24.80 -8.09 -4.62
C THR A 179 -26.04 -7.23 -4.30
N PRO A 180 -27.03 -7.20 -5.20
CA PRO A 180 -28.32 -6.59 -4.91
C PRO A 180 -29.08 -7.18 -3.73
N LEU A 181 -30.03 -6.40 -3.25
CA LEU A 181 -30.83 -6.74 -2.07
C LEU A 181 -31.82 -7.86 -2.32
N ASN A 182 -32.28 -7.96 -3.58
CA ASN A 182 -33.16 -9.08 -3.98
C ASN A 182 -32.43 -10.41 -4.34
N THR A 183 -31.51 -10.86 -3.50
CA THR A 183 -30.61 -11.90 -3.89
C THR A 183 -31.12 -13.14 -3.18
N SER A 184 -31.73 -14.03 -3.96
CA SER A 184 -32.10 -15.37 -3.49
C SER A 184 -30.92 -16.17 -3.00
N GLY A 185 -29.80 -16.09 -3.70
CA GLY A 185 -28.69 -17.01 -3.42
C GLY A 185 -27.57 -16.77 -4.42
N VAL A 186 -26.42 -17.36 -4.14
CA VAL A 186 -25.24 -17.12 -4.98
C VAL A 186 -24.38 -18.35 -5.26
N GLN A 187 -24.03 -18.53 -6.55
CA GLN A 187 -23.11 -19.60 -6.95
C GLN A 187 -21.77 -19.01 -7.38
N VAL A 188 -20.67 -19.51 -6.82
CA VAL A 188 -19.35 -19.04 -7.26
C VAL A 188 -18.34 -20.15 -7.54
N ILE A 189 -17.57 -19.96 -8.61
CA ILE A 189 -16.37 -20.76 -8.83
C ILE A 189 -15.19 -19.85 -8.87
N CYS A 190 -14.14 -20.22 -8.14
CA CYS A 190 -12.82 -19.66 -8.38
C CYS A 190 -11.71 -20.70 -8.16
N MET A 191 -10.74 -20.65 -9.02
CA MET A 191 -9.63 -21.60 -9.01
C MET A 191 -8.64 -21.27 -7.94
N LYS A 192 -8.34 -19.99 -7.75
CA LYS A 192 -7.49 -19.53 -6.68
C LYS A 192 -8.42 -19.04 -5.65
N GLY A 193 -7.98 -19.12 -4.40
CA GLY A 193 -8.68 -18.56 -3.24
C GLY A 193 -9.86 -19.32 -2.70
N LYS A 194 -10.57 -18.69 -1.77
CA LYS A 194 -11.85 -19.15 -1.22
C LYS A 194 -12.78 -17.97 -1.33
N ALA A 195 -14.03 -18.21 -1.66
CA ALA A 195 -15.03 -17.16 -1.62
C ALA A 195 -16.34 -17.59 -0.98
N LYS A 196 -16.99 -16.67 -0.27
CA LYS A 196 -18.27 -16.83 0.42
C LYS A 196 -19.22 -15.69 0.04
N TYR A 197 -20.51 -15.98 -0.12
CA TYR A 197 -21.56 -14.93 -0.18
C TYR A 197 -21.85 -14.62 1.24
N LYS A 198 -21.89 -13.34 1.58
CA LYS A 198 -22.08 -12.94 2.96
C LYS A 198 -23.34 -12.07 2.88
N ALA A 199 -24.46 -12.67 3.28
CA ALA A 199 -25.79 -12.11 2.90
C ALA A 199 -26.17 -10.84 3.64
N SER A 200 -25.78 -10.82 4.91
CA SER A 200 -25.97 -9.68 5.78
C SER A 200 -25.15 -8.49 5.30
N GLU A 201 -23.98 -8.75 4.76
CA GLU A 201 -23.16 -7.71 4.17
C GLU A 201 -23.55 -7.45 2.69
N ASN A 202 -24.43 -8.24 2.09
CA ASN A 202 -24.75 -8.06 0.65
C ASN A 202 -23.56 -7.97 -0.30
N ALA A 203 -22.66 -8.94 -0.15
CA ALA A 203 -21.44 -9.04 -0.94
C ALA A 203 -20.88 -10.46 -1.03
N ILE A 204 -20.22 -10.73 -2.16
CA ILE A 204 -19.35 -11.90 -2.28
C ILE A 204 -17.92 -11.47 -1.91
N VAL A 205 -17.27 -12.29 -1.11
CA VAL A 205 -15.96 -11.98 -0.65
C VAL A 205 -15.00 -13.06 -0.98
N TRP A 206 -14.02 -12.70 -1.81
CA TRP A 206 -13.03 -13.63 -2.38
C TRP A 206 -11.77 -13.29 -1.69
N LYS A 207 -11.11 -14.28 -1.12
CA LYS A 207 -9.87 -14.05 -0.38
C LYS A 207 -8.77 -14.92 -0.93
N ILE A 208 -7.61 -14.31 -1.16
CA ILE A 208 -6.46 -14.99 -1.66
C ILE A 208 -5.26 -14.74 -0.74
N LYS A 209 -4.63 -15.80 -0.24
CA LYS A 209 -3.49 -15.67 0.69
C LYS A 209 -2.31 -14.96 0.07
N ARG A 210 -1.91 -15.35 -1.14
CA ARG A 210 -0.66 -14.90 -1.77
C ARG A 210 -0.89 -14.70 -3.23
N MET A 211 -0.19 -13.78 -3.87
CA MET A 211 -0.28 -13.70 -5.33
C MET A 211 0.83 -12.87 -5.86
N ALA A 212 1.49 -13.39 -6.90
CA ALA A 212 2.71 -12.80 -7.45
C ALA A 212 2.47 -11.85 -8.59
N GLY A 213 3.49 -11.07 -8.86
CA GLY A 213 3.42 -10.02 -9.82
C GLY A 213 3.24 -10.55 -11.22
N MET A 214 2.55 -9.77 -12.04
CA MET A 214 2.33 -10.08 -13.44
C MET A 214 1.56 -11.40 -13.56
N LYS A 215 0.43 -11.51 -12.85
CA LYS A 215 -0.51 -12.65 -12.92
C LYS A 215 -1.97 -12.22 -13.09
N GLU A 216 -2.84 -13.19 -13.34
CA GLU A 216 -4.27 -12.98 -13.58
C GLU A 216 -5.02 -13.98 -12.72
N SER A 217 -6.15 -13.63 -12.14
CA SER A 217 -7.01 -14.66 -11.58
C SER A 217 -8.37 -14.19 -11.79
N GLN A 218 -9.29 -15.15 -11.86
CA GLN A 218 -10.66 -14.78 -12.05
C GLN A 218 -11.61 -15.56 -11.20
N ILE A 219 -12.78 -14.91 -10.97
CA ILE A 219 -13.87 -15.49 -10.22
C ILE A 219 -15.08 -15.38 -11.07
N SER A 220 -15.90 -16.43 -11.07
CA SER A 220 -17.19 -16.41 -11.74
C SER A 220 -18.23 -16.57 -10.67
N ALA A 221 -19.32 -15.86 -10.83
CA ALA A 221 -20.43 -16.01 -9.90
C ALA A 221 -21.72 -15.86 -10.62
N GLU A 222 -22.72 -16.58 -10.15
CA GLU A 222 -24.07 -16.52 -10.71
C GLU A 222 -24.95 -16.11 -9.59
N ILE A 223 -25.71 -15.05 -9.79
CA ILE A 223 -26.49 -14.47 -8.71
C ILE A 223 -27.96 -14.67 -8.97
N GLU A 224 -28.57 -15.51 -8.12
CA GLU A 224 -29.99 -15.82 -8.22
C GLU A 224 -30.79 -14.66 -7.60
N LEU A 225 -31.68 -14.08 -8.41
CA LEU A 225 -32.53 -12.96 -8.01
C LEU A 225 -33.98 -13.35 -7.58
N LEU A 226 -34.50 -12.64 -6.58
CA LEU A 226 -35.95 -12.61 -6.25
C LEU A 226 -36.57 -11.56 -7.14
N PRO A 227 -37.88 -11.62 -7.30
CA PRO A 227 -38.51 -10.59 -8.10
C PRO A 227 -38.68 -9.34 -7.23
N THR A 228 -38.90 -8.21 -7.90
CA THR A 228 -38.73 -6.95 -7.22
C THR A 228 -39.41 -5.91 -8.07
N ASN A 229 -39.59 -4.74 -7.48
CA ASN A 229 -40.18 -3.66 -8.22
C ASN A 229 -39.36 -3.29 -9.48
N ASP A 230 -39.75 -3.87 -10.63
CA ASP A 230 -39.09 -3.63 -11.96
C ASP A 230 -38.63 -2.19 -12.20
N LYS A 231 -39.39 -1.22 -11.68
CA LYS A 231 -39.16 0.24 -11.83
C LYS A 231 -37.89 0.76 -11.20
N LYS A 232 -37.76 0.69 -9.87
CA LYS A 232 -36.44 0.97 -9.23
C LYS A 232 -35.31 0.04 -9.83
N LYS A 233 -34.30 0.63 -10.47
CA LYS A 233 -33.12 -0.12 -10.99
C LYS A 233 -32.02 -0.27 -9.87
N TRP A 234 -31.08 -1.22 -10.05
CA TRP A 234 -29.87 -1.35 -9.18
C TRP A 234 -28.72 -0.34 -9.45
N ALA A 235 -28.42 0.46 -8.41
CA ALA A 235 -27.23 1.31 -8.34
C ALA A 235 -26.01 0.45 -7.96
N ARG A 236 -25.28 -0.09 -8.96
CA ARG A 236 -24.18 -1.05 -8.74
C ARG A 236 -23.02 -0.42 -7.99
N PRO A 237 -22.87 -0.68 -6.66
CA PRO A 237 -21.68 -0.10 -6.02
C PRO A 237 -20.35 -0.71 -6.58
N PRO A 238 -19.22 -0.10 -6.23
CA PRO A 238 -17.97 -0.54 -6.83
C PRO A 238 -17.52 -1.88 -6.29
N ILE A 239 -16.61 -2.49 -6.96
CA ILE A 239 -15.95 -3.64 -6.43
C ILE A 239 -14.74 -3.07 -5.77
N SER A 240 -14.49 -3.48 -4.55
CA SER A 240 -13.31 -3.00 -3.83
C SER A 240 -12.40 -4.12 -3.49
N MET A 241 -11.15 -3.74 -3.25
CA MET A 241 -10.10 -4.70 -2.94
C MET A 241 -9.40 -4.29 -1.67
N ASN A 242 -8.85 -5.29 -0.97
CA ASN A 242 -7.80 -5.01 -0.02
C ASN A 242 -6.65 -5.88 -0.35
N PHE A 243 -5.47 -5.35 -0.12
CA PHE A 243 -4.24 -6.11 -0.29
C PHE A 243 -3.15 -5.45 0.51
N GLU A 244 -2.05 -6.18 0.60
CA GLU A 244 -0.83 -5.68 1.14
C GLU A 244 0.30 -6.09 0.17
N VAL A 245 1.24 -5.17 -0.09
CA VAL A 245 2.35 -5.41 -1.03
C VAL A 245 3.66 -4.96 -0.48
N PRO A 246 4.73 -5.64 -0.80
CA PRO A 246 6.04 -5.28 -0.21
C PRO A 246 6.84 -4.27 -1.00
N PHE A 247 6.18 -3.22 -1.45
CA PHE A 247 6.84 -2.11 -2.08
C PHE A 247 5.97 -0.87 -1.88
N ALA A 248 6.49 0.30 -2.20
CA ALA A 248 5.79 1.57 -2.05
C ALA A 248 5.15 1.94 -3.35
N PRO A 249 3.82 1.97 -3.40
CA PRO A 249 3.16 2.35 -4.63
C PRO A 249 3.49 3.74 -5.15
N SER A 250 3.95 4.64 -4.28
CA SER A 250 4.38 5.98 -4.69
C SER A 250 5.60 5.91 -5.60
N GLY A 251 6.38 4.88 -5.43
CA GLY A 251 7.57 4.69 -6.19
C GLY A 251 8.78 4.96 -5.37
N LEU A 252 8.55 5.37 -4.12
CA LEU A 252 9.62 5.67 -3.21
C LEU A 252 10.51 4.48 -2.95
N LYS A 253 11.80 4.76 -3.06
CA LYS A 253 12.90 3.89 -2.72
C LYS A 253 13.82 4.69 -1.81
N VAL A 254 14.43 4.01 -0.85
CA VAL A 254 15.33 4.65 0.10
C VAL A 254 16.68 4.43 -0.51
N ARG A 255 17.43 5.51 -0.68
CA ARG A 255 18.75 5.45 -1.32
C ARG A 255 19.83 5.30 -0.23
N TYR A 256 19.72 6.05 0.86
CA TYR A 256 20.71 5.95 1.92
C TYR A 256 20.13 6.44 3.23
N LEU A 257 20.77 6.00 4.32
CA LEU A 257 20.59 6.66 5.61
C LEU A 257 21.95 6.77 6.23
N LYS A 258 22.45 7.98 6.36
CA LYS A 258 23.88 8.22 6.66
C LYS A 258 23.95 8.61 8.08
N VAL A 259 24.87 7.95 8.80
CA VAL A 259 25.08 8.22 10.22
C VAL A 259 26.51 8.69 10.46
N PHE A 260 26.62 9.86 11.12
CA PHE A 260 27.91 10.43 11.53
C PHE A 260 27.73 10.77 12.97
N GLU A 261 28.60 10.21 13.82
CA GLU A 261 28.70 10.63 15.22
C GLU A 261 30.16 11.03 15.40
N PRO A 262 30.33 12.33 15.69
CA PRO A 262 31.69 12.84 15.53
C PRO A 262 32.57 12.58 16.80
N LYS A 263 32.00 12.45 18.02
CA LYS A 263 32.76 12.09 19.22
C LYS A 263 33.21 10.63 19.16
N LEU A 264 32.21 9.73 19.10
CA LEU A 264 32.40 8.27 19.22
C LEU A 264 32.98 7.65 17.97
N ASN A 265 33.51 6.46 18.20
CA ASN A 265 34.46 5.83 17.30
C ASN A 265 33.85 4.73 16.46
N TYR A 266 32.71 5.07 15.87
CA TYR A 266 32.05 4.19 14.95
C TYR A 266 31.70 4.97 13.69
N SER A 267 32.10 4.45 12.53
CA SER A 267 31.77 5.08 11.28
C SER A 267 30.31 4.72 10.83
N ASP A 268 29.90 5.32 9.74
CA ASP A 268 28.67 4.99 9.06
C ASP A 268 28.63 3.50 8.70
N HIS A 269 29.72 2.95 8.15
CA HIS A 269 29.71 1.55 7.67
C HIS A 269 29.71 0.50 8.76
N ASP A 270 29.73 0.94 10.00
CA ASP A 270 29.61 0.06 11.15
C ASP A 270 28.17 -0.14 11.55
N VAL A 271 27.28 0.66 10.99
CA VAL A 271 25.90 0.65 11.41
C VAL A 271 25.20 -0.36 10.53
N ILE A 272 24.35 -1.16 11.16
CA ILE A 272 23.60 -2.12 10.43
C ILE A 272 22.27 -1.48 10.07
N LYS A 273 21.99 -1.50 8.77
CA LYS A 273 20.84 -0.78 8.24
C LYS A 273 19.82 -1.63 7.47
N TRP A 274 18.54 -1.37 7.73
CA TRP A 274 17.45 -2.18 7.21
C TRP A 274 16.32 -1.35 6.71
N VAL A 275 15.70 -1.75 5.64
CA VAL A 275 14.46 -1.09 5.30
C VAL A 275 13.40 -2.12 4.90
N ARG A 276 12.14 -1.78 5.16
CA ARG A 276 11.05 -2.53 4.58
C ARG A 276 9.94 -1.65 4.12
N TYR A 277 9.23 -2.18 3.13
CA TYR A 277 8.11 -1.50 2.54
C TYR A 277 6.83 -2.26 2.74
N ILE A 278 5.80 -1.57 3.18
CA ILE A 278 4.48 -2.17 3.37
C ILE A 278 3.46 -1.23 2.81
N GLY A 279 2.97 -1.61 1.63
CA GLY A 279 1.99 -0.83 0.87
C GLY A 279 0.68 -1.49 1.09
N ARG A 280 -0.36 -0.75 1.42
CA ARG A 280 -1.66 -1.37 1.66
C ARG A 280 -2.73 -0.58 0.94
N SER A 281 -3.77 -1.26 0.53
CA SER A 281 -4.94 -0.56 0.02
C SER A 281 -5.55 0.41 1.04
N GLY A 282 -5.94 1.56 0.59
CA GLY A 282 -6.92 2.36 1.30
C GLY A 282 -8.26 1.98 0.69
N ILE A 283 -8.93 3.03 0.24
CA ILE A 283 -10.02 2.94 -0.69
C ILE A 283 -9.51 2.60 -2.07
N TYR A 284 -9.97 1.51 -2.61
CA TYR A 284 -9.44 0.94 -3.85
C TYR A 284 -10.61 0.28 -4.59
N GLU A 285 -11.35 1.11 -5.30
CA GLU A 285 -12.68 0.84 -5.79
C GLU A 285 -12.71 0.94 -7.30
N THR A 286 -13.34 -0.04 -7.90
CA THR A 286 -13.46 -0.08 -9.34
C THR A 286 -14.94 -0.15 -9.64
N ARG A 287 -15.43 0.77 -10.48
CA ARG A 287 -16.88 0.79 -10.74
C ARG A 287 -17.16 -0.20 -11.83
N CYS A 288 -18.22 -0.98 -11.64
CA CYS A 288 -18.80 -1.78 -12.74
C CYS A 288 -20.08 -1.11 -13.33
N GLN B 1 11.79 -9.79 4.68
CA GLN B 1 10.89 -8.60 4.61
C GLN B 1 11.64 -7.27 4.92
N TYR B 2 12.35 -7.13 6.06
CA TYR B 2 13.48 -6.14 6.14
C TYR B 2 14.59 -6.61 5.24
N LYS B 3 15.11 -5.70 4.41
CA LYS B 3 16.25 -5.97 3.53
C LYS B 3 17.32 -4.92 3.87
N SER B 4 18.57 -5.20 3.52
CA SER B 4 19.61 -4.18 3.69
C SER B 4 19.47 -3.01 2.76
N ILE B 5 19.83 -1.83 3.26
CA ILE B 5 19.84 -0.59 2.47
C ILE B 5 21.16 -0.60 1.75
N LEU B 6 21.15 -0.65 0.42
CA LEU B 6 22.43 -0.90 -0.27
C LEU B 6 23.00 0.42 -0.74
#